data_2DCA
#
_entry.id   2DCA
#
_cell.length_a   72.190
_cell.length_b   72.190
_cell.length_c   139.710
_cell.angle_alpha   90.00
_cell.angle_beta   90.00
_cell.angle_gamma   90.00
#
_symmetry.space_group_name_H-M   'P 43 21 2'
#
loop_
_entity.id
_entity.type
_entity.pdbx_description
1 polymer 'CATHEPSIN B'
2 non-polymer 'PHOSPHATE ION'
3 non-polymer N-{[(2S,3S)-3-(ETHOXYCARBONYL)OXIRAN-2-YL]CARBONYL}-L-ISOLEUCYL-L-ALANINE
4 non-polymer GLYCEROL
5 water water
#
_entity_poly.entity_id   1
_entity_poly.type   'polypeptide(L)'
_entity_poly.pdbx_seq_one_letter_code
;LPESFDAREQWPNCPTIKEIRDQGSCGSCWAFGAVEAISDRICIHSNGRVNVEVSAEDMLTCCGGECGDGCNGGFPSGAW
NFWTKKGLVSGGLYNSHVGCRPYSIPPCEHHVNGSRPPCTGEGDTPKCSKTCEPGYSPSYKEDKHFGCSSYSVANNEKEI
MAEIYKNGPVEGAFSVYSDFLLYKSGVYQHVSGEIMGGHAIRILGWGVENGTPYWLVGNSWNTDWGDNGFFKILRGQDHC
GIESEIVAGMPCTHQY
;
_entity_poly.pdbx_strand_id   A
#
loop_
_chem_comp.id
_chem_comp.type
_chem_comp.name
_chem_comp.formula
75V non-polymer N-{[(2S,3S)-3-(ETHOXYCARBONYL)OXIRAN-2-YL]CARBONYL}-L-ISOLEUCYL-L-ALANINE 'C15 H24 N2 O7'
GOL non-polymer GLYCEROL 'C3 H8 O3'
PO4 non-polymer 'PHOSPHATE ION' 'O4 P -3'
#
# COMPACT_ATOMS: atom_id res chain seq x y z
N LEU A 1 21.79 3.34 11.96
CA LEU A 1 20.30 3.40 11.99
C LEU A 1 19.76 3.34 13.41
N PRO A 2 18.69 4.09 13.70
CA PRO A 2 18.10 4.09 15.04
C PRO A 2 17.44 2.76 15.34
N GLU A 3 17.22 2.48 16.63
CA GLU A 3 16.58 1.23 17.03
C GLU A 3 15.14 1.20 16.55
N SER A 4 14.54 2.37 16.42
CA SER A 4 13.15 2.50 15.99
C SER A 4 13.00 3.62 14.98
N PHE A 5 11.93 3.56 14.19
CA PHE A 5 11.67 4.57 13.18
C PHE A 5 10.21 4.47 12.74
N ASP A 6 9.51 5.61 12.78
CA ASP A 6 8.10 5.67 12.39
C ASP A 6 7.99 6.81 11.40
N ALA A 7 7.80 6.49 10.13
CA ALA A 7 7.67 7.50 9.08
C ALA A 7 6.60 8.54 9.39
N ARG A 8 5.59 8.14 10.16
CA ARG A 8 4.50 9.05 10.52
C ARG A 8 5.02 10.21 11.36
N GLU A 9 5.96 9.92 12.25
CA GLU A 9 6.53 10.94 13.13
C GLU A 9 7.68 11.69 12.46
N GLN A 10 8.43 11.00 11.59
CA GLN A 10 9.55 11.60 10.91
C GLN A 10 9.16 12.60 9.82
N TRP A 11 7.99 12.41 9.21
CA TRP A 11 7.51 13.32 8.17
C TRP A 11 6.09 13.79 8.51
N PRO A 12 5.97 14.67 9.52
CA PRO A 12 4.72 15.26 10.02
C PRO A 12 3.90 16.00 8.96
N ASN A 13 4.56 16.52 7.92
CA ASN A 13 3.85 17.25 6.89
C ASN A 13 3.28 16.38 5.79
N CYS A 14 3.37 15.06 5.98
CA CYS A 14 2.85 14.11 4.99
C CYS A 14 1.83 13.20 5.63
N PRO A 15 0.58 13.68 5.77
CA PRO A 15 -0.51 12.92 6.37
C PRO A 15 -0.90 11.61 5.69
N THR A 16 -0.57 11.43 4.41
CA THR A 16 -0.94 10.17 3.76
C THR A 16 -0.24 9.01 4.46
N ILE A 17 0.93 9.31 5.05
CA ILE A 17 1.70 8.28 5.76
C ILE A 17 0.91 7.65 6.90
N LYS A 18 0.00 8.42 7.49
CA LYS A 18 -0.83 7.96 8.60
C LYS A 18 -2.15 7.34 8.19
N GLU A 19 -2.55 7.52 6.93
CA GLU A 19 -3.84 6.99 6.52
C GLU A 19 -3.85 5.51 6.15
N ILE A 20 -5.01 4.91 6.32
CA ILE A 20 -5.23 3.50 6.01
C ILE A 20 -6.38 3.46 5.03
N ARG A 21 -6.21 2.73 3.92
CA ARG A 21 -7.25 2.63 2.91
C ARG A 21 -8.00 1.31 3.00
N ASP A 22 -8.97 1.13 2.12
CA ASP A 22 -9.76 -0.09 2.08
C ASP A 22 -9.85 -0.55 0.63
N GLN A 23 -9.20 -1.67 0.33
CA GLN A 23 -9.19 -2.20 -1.02
C GLN A 23 -10.53 -2.79 -1.44
N GLY A 24 -11.46 -2.90 -0.49
CA GLY A 24 -12.77 -3.44 -0.78
C GLY A 24 -12.74 -4.92 -1.12
N SER A 25 -13.81 -5.43 -1.73
CA SER A 25 -13.90 -6.83 -2.11
C SER A 25 -13.18 -7.01 -3.45
N CYS A 26 -11.87 -6.85 -3.42
CA CYS A 26 -11.05 -6.94 -4.62
C CYS A 26 -9.61 -7.25 -4.21
N GLY A 27 -8.98 -8.19 -4.92
CA GLY A 27 -7.61 -8.55 -4.60
C GLY A 27 -6.62 -7.56 -5.20
N SER A 28 -6.79 -6.29 -4.83
CA SER A 28 -5.95 -5.22 -5.34
C SER A 28 -4.88 -4.70 -4.38
N CYS A 29 -4.45 -5.53 -3.43
CA CYS A 29 -3.43 -5.08 -2.48
C CYS A 29 -2.14 -4.63 -3.17
N TRP A 30 -1.79 -5.28 -4.28
CA TRP A 30 -0.58 -4.92 -5.01
C TRP A 30 -0.61 -3.46 -5.43
N ALA A 31 -1.79 -3.00 -5.82
CA ALA A 31 -1.99 -1.63 -6.26
C ALA A 31 -2.04 -0.67 -5.08
N PHE A 32 -2.67 -1.09 -3.99
CA PHE A 32 -2.77 -0.24 -2.82
C PHE A 32 -1.43 0.00 -2.13
N GLY A 33 -0.66 -1.05 -1.92
CA GLY A 33 0.63 -0.88 -1.28
C GLY A 33 1.45 0.13 -2.06
N ALA A 34 1.33 0.06 -3.38
CA ALA A 34 2.07 0.95 -4.27
C ALA A 34 1.62 2.42 -4.22
N VAL A 35 0.35 2.67 -4.50
CA VAL A 35 -0.14 4.05 -4.51
C VAL A 35 -0.03 4.72 -3.15
N GLU A 36 -0.12 3.94 -2.07
CA GLU A 36 -0.01 4.50 -0.73
C GLU A 36 1.42 5.00 -0.52
N ALA A 37 2.40 4.15 -0.77
CA ALA A 37 3.80 4.52 -0.60
C ALA A 37 4.18 5.62 -1.57
N ILE A 38 3.63 5.57 -2.77
CA ILE A 38 3.93 6.60 -3.77
C ILE A 38 3.38 7.93 -3.28
N SER A 39 2.17 7.92 -2.71
CA SER A 39 1.58 9.14 -2.18
C SER A 39 2.54 9.71 -1.14
N ASP A 40 3.04 8.83 -0.27
CA ASP A 40 3.97 9.25 0.78
C ASP A 40 5.24 9.86 0.20
N ARG A 41 5.82 9.18 -0.79
CA ARG A 41 7.06 9.64 -1.41
C ARG A 41 6.90 10.92 -2.23
N ILE A 42 5.74 11.13 -2.84
CA ILE A 42 5.53 12.34 -3.61
C ILE A 42 5.58 13.51 -2.61
N CYS A 43 5.01 13.31 -1.43
CA CYS A 43 5.03 14.34 -0.41
C CYS A 43 6.43 14.51 0.16
N ILE A 44 7.10 13.41 0.45
CA ILE A 44 8.45 13.45 1.01
C ILE A 44 9.41 14.18 0.08
N HIS A 45 9.41 13.79 -1.19
CA HIS A 45 10.30 14.38 -2.18
C HIS A 45 9.68 15.43 -3.08
N SER A 46 9.21 16.51 -2.46
CA SER A 46 8.59 17.63 -3.17
C SER A 46 7.95 18.51 -2.10
N ASN A 47 8.54 18.47 -0.90
CA ASN A 47 8.04 19.25 0.22
C ASN A 47 8.95 20.46 0.45
N VAL A 50 4.06 18.97 -1.89
CA VAL A 50 2.69 18.81 -2.38
C VAL A 50 2.08 17.51 -1.87
N ASN A 51 0.82 17.58 -1.46
CA ASN A 51 0.14 16.40 -0.96
C ASN A 51 -0.87 15.90 -2.00
N VAL A 52 -0.75 14.63 -2.36
CA VAL A 52 -1.66 14.05 -3.34
C VAL A 52 -2.06 12.63 -3.00
N GLU A 53 -3.36 12.36 -3.08
CA GLU A 53 -3.87 11.03 -2.82
C GLU A 53 -3.78 10.35 -4.18
N VAL A 54 -2.75 9.53 -4.36
CA VAL A 54 -2.58 8.85 -5.64
C VAL A 54 -3.71 7.84 -5.80
N SER A 55 -4.34 7.86 -6.97
CA SER A 55 -5.46 6.99 -7.28
C SER A 55 -5.16 5.50 -7.37
N ALA A 56 -5.75 4.74 -6.46
CA ALA A 56 -5.60 3.30 -6.46
C ALA A 56 -6.38 2.79 -7.67
N GLU A 57 -7.44 3.52 -8.02
CA GLU A 57 -8.30 3.18 -9.15
C GLU A 57 -7.52 3.22 -10.48
N ASP A 58 -6.74 4.27 -10.69
CA ASP A 58 -5.97 4.41 -11.91
C ASP A 58 -4.97 3.25 -12.04
N MET A 59 -4.29 2.94 -10.95
CA MET A 59 -3.32 1.84 -10.94
C MET A 59 -3.97 0.50 -11.21
N LEU A 60 -4.99 0.20 -10.42
CA LEU A 60 -5.73 -1.06 -10.50
C LEU A 60 -6.35 -1.33 -11.87
N THR A 61 -6.99 -0.33 -12.45
CA THR A 61 -7.69 -0.50 -13.72
C THR A 61 -6.91 -0.27 -15.01
N CYS A 62 -5.95 0.64 -15.00
CA CYS A 62 -5.23 0.94 -16.24
C CYS A 62 -3.86 0.32 -16.47
N CYS A 63 -3.23 -0.26 -15.46
CA CYS A 63 -1.91 -0.82 -15.71
C CYS A 63 -1.92 -1.99 -16.69
N GLY A 64 -2.88 -2.91 -16.53
CA GLY A 64 -2.95 -4.04 -17.43
C GLY A 64 -2.05 -5.21 -17.07
N GLY A 65 -1.80 -6.07 -18.06
CA GLY A 65 -0.98 -7.25 -17.85
C GLY A 65 0.39 -7.00 -17.23
N GLU A 66 0.95 -5.83 -17.49
CA GLU A 66 2.27 -5.49 -16.95
C GLU A 66 2.28 -5.59 -15.42
N CYS A 67 1.12 -5.37 -14.80
CA CYS A 67 0.99 -5.45 -13.33
C CYS A 67 0.31 -6.71 -12.85
N GLY A 68 -0.14 -7.56 -13.76
CA GLY A 68 -0.81 -8.77 -13.32
C GLY A 68 -2.24 -8.89 -13.80
N ASP A 69 -3.16 -9.16 -12.88
CA ASP A 69 -4.56 -9.35 -13.25
C ASP A 69 -5.60 -8.61 -12.40
N GLY A 70 -5.42 -7.31 -12.23
CA GLY A 70 -6.37 -6.50 -11.47
C GLY A 70 -6.82 -7.01 -10.11
N CYS A 71 -8.13 -7.22 -9.93
CA CYS A 71 -8.66 -7.70 -8.67
C CYS A 71 -8.27 -9.16 -8.40
N ASN A 72 -7.62 -9.77 -9.38
CA ASN A 72 -7.19 -11.15 -9.25
C ASN A 72 -5.74 -11.25 -8.74
N GLY A 73 -5.16 -10.10 -8.41
CA GLY A 73 -3.79 -10.10 -7.92
C GLY A 73 -2.84 -9.49 -8.90
N GLY A 74 -1.68 -9.04 -8.43
CA GLY A 74 -0.72 -8.42 -9.31
C GLY A 74 0.72 -8.42 -8.83
N PHE A 75 1.57 -7.74 -9.58
CA PHE A 75 2.99 -7.68 -9.27
C PHE A 75 3.41 -6.28 -8.81
N PRO A 76 3.76 -6.14 -7.53
CA PRO A 76 4.18 -4.86 -6.97
C PRO A 76 5.20 -4.08 -7.81
N SER A 77 6.30 -4.71 -8.22
CA SER A 77 7.29 -4.01 -9.02
C SER A 77 6.67 -3.52 -10.33
N GLY A 78 5.67 -4.24 -10.83
CA GLY A 78 5.01 -3.83 -12.05
C GLY A 78 4.25 -2.53 -11.85
N ALA A 79 3.68 -2.37 -10.65
CA ALA A 79 2.93 -1.18 -10.31
C ALA A 79 3.82 0.07 -10.31
N TRP A 80 5.00 -0.03 -9.69
CA TRP A 80 5.90 1.12 -9.66
C TRP A 80 6.39 1.46 -11.08
N ASN A 81 6.47 0.45 -11.94
CA ASN A 81 6.87 0.65 -13.33
C ASN A 81 5.82 1.49 -14.04
N PHE A 82 4.55 1.17 -13.80
CA PHE A 82 3.45 1.91 -14.41
C PHE A 82 3.56 3.38 -14.04
N TRP A 83 3.88 3.64 -12.77
CA TRP A 83 4.02 5.00 -12.27
C TRP A 83 5.07 5.77 -13.08
N THR A 84 6.17 5.10 -13.43
CA THR A 84 7.24 5.76 -14.19
C THR A 84 6.92 5.84 -15.69
N LYS A 85 6.15 4.88 -16.19
CA LYS A 85 5.81 4.85 -17.61
C LYS A 85 4.58 5.67 -18.00
N LYS A 86 3.47 5.45 -17.30
CA LYS A 86 2.23 6.16 -17.60
C LYS A 86 1.86 7.20 -16.56
N GLY A 87 2.45 7.11 -15.38
CA GLY A 87 2.13 8.06 -14.32
C GLY A 87 0.80 7.68 -13.69
N LEU A 88 0.42 8.38 -12.61
CA LEU A 88 -0.82 8.10 -11.92
C LEU A 88 -1.55 9.40 -11.58
N VAL A 89 -2.87 9.42 -11.78
CA VAL A 89 -3.65 10.62 -11.44
C VAL A 89 -4.04 10.53 -9.97
N SER A 90 -4.64 11.60 -9.45
CA SER A 90 -5.07 11.62 -8.06
C SER A 90 -6.42 10.91 -7.94
N GLY A 91 -6.77 10.54 -6.70
CA GLY A 91 -8.03 9.85 -6.46
C GLY A 91 -8.10 9.40 -5.01
N GLY A 92 -9.14 9.84 -4.31
CA GLY A 92 -9.28 9.47 -2.91
C GLY A 92 -10.12 8.23 -2.63
N LEU A 93 -10.64 8.19 -1.41
CA LEU A 93 -11.46 7.08 -0.95
C LEU A 93 -12.79 6.95 -1.68
N TYR A 94 -13.42 5.80 -1.55
CA TYR A 94 -14.70 5.54 -2.19
C TYR A 94 -15.73 6.58 -1.74
N ASN A 95 -16.46 7.14 -2.71
CA ASN A 95 -17.49 8.14 -2.46
C ASN A 95 -16.98 9.44 -1.84
N SER A 96 -15.68 9.68 -1.92
CA SER A 96 -15.10 10.91 -1.36
C SER A 96 -15.18 12.07 -2.34
N HIS A 97 -15.26 11.74 -3.63
CA HIS A 97 -15.28 12.74 -4.69
C HIS A 97 -14.00 13.55 -4.68
N VAL A 98 -12.95 12.98 -4.11
CA VAL A 98 -11.65 13.63 -4.04
C VAL A 98 -10.74 13.17 -5.19
N GLY A 99 -10.23 14.13 -5.95
CA GLY A 99 -9.32 13.80 -7.04
C GLY A 99 -9.94 13.35 -8.35
N CYS A 100 -9.06 13.07 -9.31
CA CYS A 100 -9.47 12.65 -10.64
C CYS A 100 -10.26 11.34 -10.64
N ARG A 101 -9.70 10.30 -10.04
CA ARG A 101 -10.38 9.01 -10.01
C ARG A 101 -10.44 8.33 -8.65
N PRO A 102 -11.47 8.69 -7.85
CA PRO A 102 -11.67 8.11 -6.51
C PRO A 102 -11.91 6.61 -6.67
N TYR A 103 -11.63 5.83 -5.62
CA TYR A 103 -11.81 4.39 -5.69
C TYR A 103 -13.29 4.06 -5.90
N SER A 104 -13.57 3.13 -6.80
CA SER A 104 -14.95 2.78 -7.12
C SER A 104 -15.49 1.52 -6.44
N ILE A 105 -14.68 0.89 -5.60
CA ILE A 105 -15.11 -0.32 -4.92
C ILE A 105 -15.39 0.01 -3.45
N PRO A 106 -16.63 -0.23 -2.99
CA PRO A 106 -17.10 0.03 -1.63
C PRO A 106 -16.27 -0.58 -0.50
N PRO A 107 -16.10 0.16 0.61
CA PRO A 107 -15.33 -0.36 1.74
C PRO A 107 -16.17 -1.48 2.37
N CYS A 108 -15.51 -2.42 3.05
CA CYS A 108 -16.23 -3.52 3.67
C CYS A 108 -15.50 -4.03 4.90
N GLU A 109 -16.11 -5.00 5.59
CA GLU A 109 -15.50 -5.58 6.79
C GLU A 109 -14.57 -6.71 6.40
N HIS A 110 -13.28 -6.53 6.69
CA HIS A 110 -12.26 -7.53 6.37
C HIS A 110 -11.96 -8.42 7.58
N HIS A 111 -12.57 -9.59 7.62
CA HIS A 111 -12.36 -10.55 8.70
C HIS A 111 -12.64 -10.01 10.09
N VAL A 112 -13.60 -9.09 10.19
CA VAL A 112 -14.02 -8.51 11.45
C VAL A 112 -15.49 -8.14 11.31
N ASN A 113 -16.16 -7.91 12.43
CA ASN A 113 -17.55 -7.51 12.37
C ASN A 113 -17.60 -6.00 12.44
N GLY A 114 -18.59 -5.40 11.78
CA GLY A 114 -18.70 -3.96 11.79
C GLY A 114 -19.98 -3.48 11.15
N SER A 115 -20.12 -2.17 10.98
CA SER A 115 -21.30 -1.58 10.39
C SER A 115 -21.36 -1.72 8.88
N ARG A 116 -20.21 -1.91 8.25
CA ARG A 116 -20.16 -2.06 6.80
C ARG A 116 -20.48 -3.50 6.40
N PRO A 117 -20.84 -3.73 5.13
CA PRO A 117 -21.14 -5.09 4.68
C PRO A 117 -19.87 -5.93 4.72
N PRO A 118 -20.01 -7.25 4.89
CA PRO A 118 -18.81 -8.09 4.93
C PRO A 118 -18.22 -8.16 3.52
N CYS A 119 -16.89 -8.20 3.44
CA CYS A 119 -16.23 -8.28 2.14
C CYS A 119 -16.55 -9.61 1.49
N THR A 120 -16.58 -9.62 0.16
CA THR A 120 -16.85 -10.83 -0.61
C THR A 120 -15.71 -10.99 -1.60
N GLY A 121 -14.87 -12.00 -1.37
CA GLY A 121 -13.74 -12.24 -2.25
C GLY A 121 -13.98 -11.98 -3.72
N GLU A 122 -15.20 -12.24 -4.17
CA GLU A 122 -15.57 -12.05 -5.56
C GLU A 122 -15.80 -10.57 -5.91
N GLY A 123 -14.88 -10.02 -6.70
CA GLY A 123 -14.98 -8.63 -7.10
C GLY A 123 -14.29 -8.47 -8.45
N ASP A 124 -14.94 -7.80 -9.39
CA ASP A 124 -14.37 -7.62 -10.72
C ASP A 124 -13.56 -6.34 -10.84
N THR A 125 -12.57 -6.37 -11.72
CA THR A 125 -11.72 -5.21 -11.94
C THR A 125 -12.51 -4.15 -12.69
N PRO A 126 -12.57 -2.92 -12.15
CA PRO A 126 -13.30 -1.85 -12.83
C PRO A 126 -12.62 -1.47 -14.14
N LYS A 127 -13.35 -0.76 -15.00
CA LYS A 127 -12.82 -0.34 -16.28
C LYS A 127 -11.71 0.71 -16.16
N CYS A 128 -10.82 0.73 -17.13
CA CYS A 128 -9.77 1.73 -17.18
C CYS A 128 -10.38 2.90 -17.94
N SER A 129 -10.80 3.93 -17.22
CA SER A 129 -11.39 5.12 -17.82
C SER A 129 -10.39 6.26 -17.68
N LYS A 130 -9.96 6.80 -18.81
CA LYS A 130 -9.00 7.89 -18.81
C LYS A 130 -9.67 9.25 -18.80
N THR A 131 -10.53 9.45 -17.80
CA THR A 131 -11.27 10.71 -17.61
C THR A 131 -11.38 10.93 -16.11
N CYS A 132 -11.54 12.18 -15.70
CA CYS A 132 -11.69 12.47 -14.28
C CYS A 132 -13.15 12.61 -13.91
N GLU A 133 -13.44 12.56 -12.61
CA GLU A 133 -14.81 12.69 -12.15
C GLU A 133 -15.33 14.05 -12.57
N PRO A 134 -16.66 14.20 -12.70
CA PRO A 134 -17.19 15.50 -13.10
C PRO A 134 -16.86 16.58 -12.07
N GLY A 135 -16.49 17.76 -12.56
CA GLY A 135 -16.16 18.86 -11.66
C GLY A 135 -14.68 18.99 -11.35
N TYR A 136 -13.92 17.92 -11.54
CA TYR A 136 -12.48 17.96 -11.25
C TYR A 136 -11.63 18.51 -12.39
N SER A 137 -10.58 19.24 -12.02
CA SER A 137 -9.63 19.81 -12.97
C SER A 137 -8.24 19.56 -12.39
N PRO A 138 -7.22 19.39 -13.24
CA PRO A 138 -7.25 19.43 -14.70
C PRO A 138 -7.74 18.12 -15.33
N SER A 139 -7.45 17.96 -16.62
CA SER A 139 -7.85 16.76 -17.34
C SER A 139 -7.06 15.56 -16.84
N TYR A 140 -7.53 14.36 -17.21
CA TYR A 140 -6.89 13.12 -16.83
C TYR A 140 -5.40 13.15 -17.16
N LYS A 141 -5.07 13.47 -18.40
CA LYS A 141 -3.67 13.53 -18.85
C LYS A 141 -2.85 14.54 -18.06
N GLU A 142 -3.43 15.70 -17.79
CA GLU A 142 -2.74 16.76 -17.06
C GLU A 142 -2.59 16.46 -15.57
N ASP A 143 -3.38 15.53 -15.06
CA ASP A 143 -3.34 15.21 -13.63
C ASP A 143 -2.39 14.05 -13.29
N LYS A 144 -1.68 13.55 -14.29
CA LYS A 144 -0.75 12.44 -14.10
C LYS A 144 0.51 12.80 -13.32
N HIS A 145 0.89 11.96 -12.36
CA HIS A 145 2.10 12.16 -11.58
C HIS A 145 3.03 11.03 -11.97
N PHE A 146 4.23 11.38 -12.43
CA PHE A 146 5.19 10.38 -12.87
C PHE A 146 6.32 10.06 -11.89
N GLY A 147 6.74 8.81 -11.93
CA GLY A 147 7.85 8.38 -11.10
C GLY A 147 9.03 8.45 -12.05
N CYS A 148 10.22 8.69 -11.52
CA CYS A 148 11.39 8.76 -12.37
C CYS A 148 12.34 7.57 -12.19
N SER A 149 11.97 6.66 -11.32
CA SER A 149 12.75 5.45 -11.09
C SER A 149 11.87 4.41 -10.40
N SER A 150 12.10 3.14 -10.72
CA SER A 150 11.37 2.02 -10.14
C SER A 150 12.41 0.94 -9.90
N TYR A 151 12.60 0.55 -8.64
CA TYR A 151 13.60 -0.45 -8.31
C TYR A 151 13.19 -1.44 -7.24
N SER A 152 14.03 -2.46 -7.05
CA SER A 152 13.76 -3.50 -6.05
C SER A 152 14.85 -3.48 -5.00
N VAL A 153 14.44 -3.46 -3.73
CA VAL A 153 15.40 -3.45 -2.63
C VAL A 153 15.75 -4.88 -2.28
N ALA A 154 17.03 -5.14 -2.05
CA ALA A 154 17.51 -6.47 -1.71
C ALA A 154 16.88 -7.01 -0.44
N ASN A 155 16.83 -8.34 -0.34
CA ASN A 155 16.28 -9.04 0.82
C ASN A 155 17.36 -8.89 1.89
N ASN A 156 17.50 -7.67 2.38
CA ASN A 156 18.52 -7.35 3.38
C ASN A 156 17.93 -6.33 4.36
N GLU A 157 17.73 -6.77 5.60
CA GLU A 157 17.15 -5.94 6.66
C GLU A 157 17.72 -4.52 6.73
N LYS A 158 19.04 -4.42 6.78
CA LYS A 158 19.69 -3.12 6.88
C LYS A 158 19.45 -2.24 5.65
N GLU A 159 19.52 -2.84 4.46
CA GLU A 159 19.29 -2.07 3.24
C GLU A 159 17.85 -1.58 3.18
N ILE A 160 16.92 -2.42 3.64
CA ILE A 160 15.51 -2.05 3.65
C ILE A 160 15.29 -0.91 4.64
N MET A 161 15.90 -1.03 5.82
CA MET A 161 15.78 0.02 6.84
C MET A 161 16.38 1.33 6.30
N ALA A 162 17.54 1.23 5.66
CA ALA A 162 18.21 2.40 5.10
C ALA A 162 17.34 3.08 4.04
N GLU A 163 16.71 2.26 3.19
CA GLU A 163 15.85 2.78 2.13
C GLU A 163 14.70 3.59 2.73
N ILE A 164 14.03 3.01 3.72
CA ILE A 164 12.91 3.66 4.38
C ILE A 164 13.38 4.95 5.06
N TYR A 165 14.45 4.82 5.85
CA TYR A 165 15.02 5.93 6.59
C TYR A 165 15.32 7.13 5.70
N LYS A 166 15.87 6.87 4.53
CA LYS A 166 16.23 7.94 3.61
C LYS A 166 15.15 8.42 2.65
N ASN A 167 14.45 7.47 2.02
CA ASN A 167 13.45 7.81 1.01
C ASN A 167 11.96 7.63 1.35
N GLY A 168 11.65 7.10 2.52
CA GLY A 168 10.25 6.94 2.88
C GLY A 168 9.73 5.52 2.76
N PRO A 169 8.44 5.30 3.09
CA PRO A 169 7.79 3.99 3.02
C PRO A 169 7.95 3.25 1.70
N VAL A 170 8.03 1.93 1.78
CA VAL A 170 8.18 1.09 0.61
C VAL A 170 7.03 0.10 0.57
N GLU A 171 6.90 -0.61 -0.55
CA GLU A 171 5.87 -1.62 -0.67
C GLU A 171 6.56 -2.97 -0.48
N GLY A 172 5.87 -3.89 0.16
CA GLY A 172 6.41 -5.20 0.38
C GLY A 172 5.30 -6.21 0.24
N ALA A 173 5.64 -7.49 0.38
CA ALA A 173 4.65 -8.54 0.27
C ALA A 173 5.06 -9.73 1.13
N PHE A 174 4.06 -10.47 1.62
CA PHE A 174 4.33 -11.64 2.44
C PHE A 174 3.21 -12.67 2.27
N SER A 175 3.48 -13.89 2.69
CA SER A 175 2.51 -14.96 2.62
C SER A 175 1.55 -14.86 3.80
N VAL A 176 0.25 -14.79 3.51
CA VAL A 176 -0.75 -14.71 4.56
C VAL A 176 -1.30 -16.07 4.90
N TYR A 177 -1.28 -16.40 6.18
CA TYR A 177 -1.83 -17.65 6.67
C TYR A 177 -3.02 -17.21 7.52
N SER A 178 -4.00 -18.09 7.68
CA SER A 178 -5.22 -17.74 8.42
C SER A 178 -5.05 -17.10 9.79
N ASP A 179 -3.99 -17.45 10.53
CA ASP A 179 -3.83 -16.84 11.84
C ASP A 179 -3.56 -15.34 11.78
N PHE A 180 -3.11 -14.86 10.64
CA PHE A 180 -2.85 -13.43 10.46
C PHE A 180 -4.16 -12.65 10.39
N LEU A 181 -5.18 -13.29 9.83
CA LEU A 181 -6.49 -12.65 9.68
C LEU A 181 -7.07 -12.09 10.96
N LEU A 182 -6.76 -12.71 12.09
CA LEU A 182 -7.30 -12.28 13.38
C LEU A 182 -6.37 -11.38 14.20
N TYR A 183 -5.30 -10.91 13.58
CA TYR A 183 -4.35 -10.03 14.26
C TYR A 183 -5.03 -8.82 14.90
N LYS A 184 -4.59 -8.47 16.11
CA LYS A 184 -5.13 -7.33 16.84
C LYS A 184 -4.01 -6.43 17.37
N SER A 185 -2.94 -7.06 17.88
CA SER A 185 -1.83 -6.30 18.43
C SER A 185 -0.59 -7.16 18.62
N GLY A 186 0.49 -6.54 19.06
CA GLY A 186 1.74 -7.26 19.29
C GLY A 186 2.48 -7.49 17.98
N VAL A 187 3.56 -8.27 18.04
CA VAL A 187 4.34 -8.57 16.86
C VAL A 187 3.87 -9.89 16.27
N TYR A 188 3.32 -9.83 15.07
CA TYR A 188 2.84 -11.04 14.42
C TYR A 188 3.92 -12.03 14.03
N GLN A 189 3.70 -13.28 14.39
CA GLN A 189 4.58 -14.38 14.05
C GLN A 189 3.66 -15.53 13.67
N HIS A 190 3.85 -16.07 12.47
CA HIS A 190 3.04 -17.15 11.95
C HIS A 190 3.26 -18.47 12.68
N VAL A 191 2.19 -19.04 13.22
CA VAL A 191 2.29 -20.31 13.93
C VAL A 191 1.30 -21.36 13.44
N SER A 192 0.21 -20.93 12.82
CA SER A 192 -0.77 -21.89 12.33
C SER A 192 -1.70 -21.33 11.26
N GLY A 193 -2.46 -22.22 10.63
CA GLY A 193 -3.41 -21.80 9.62
C GLY A 193 -3.03 -22.07 8.18
N GLU A 194 -4.05 -22.35 7.36
CA GLU A 194 -3.85 -22.62 5.95
C GLU A 194 -3.42 -21.34 5.25
N ILE A 195 -2.61 -21.47 4.21
CA ILE A 195 -2.15 -20.30 3.47
C ILE A 195 -3.32 -19.70 2.70
N MET A 196 -3.47 -18.39 2.77
CA MET A 196 -4.54 -17.68 2.10
C MET A 196 -4.05 -17.11 0.77
N GLY A 197 -2.75 -16.88 0.68
CA GLY A 197 -2.16 -16.34 -0.54
C GLY A 197 -1.18 -15.22 -0.24
N GLY A 198 -0.63 -14.62 -1.29
CA GLY A 198 0.31 -13.52 -1.11
C GLY A 198 -0.45 -12.26 -0.79
N HIS A 199 0.22 -11.31 -0.13
CA HIS A 199 -0.44 -10.05 0.22
C HIS A 199 0.55 -8.89 0.21
N ALA A 200 0.26 -7.89 -0.61
CA ALA A 200 1.12 -6.73 -0.72
C ALA A 200 0.68 -5.66 0.27
N ILE A 201 1.66 -5.07 0.95
CA ILE A 201 1.39 -4.04 1.95
C ILE A 201 2.40 -2.90 1.90
N ARG A 202 2.29 -2.00 2.86
CA ARG A 202 3.16 -0.83 2.94
C ARG A 202 3.95 -0.81 4.25
N ILE A 203 5.28 -0.86 4.15
CA ILE A 203 6.15 -0.85 5.32
C ILE A 203 6.62 0.59 5.55
N LEU A 204 6.26 1.15 6.70
CA LEU A 204 6.61 2.54 6.98
C LEU A 204 7.50 2.76 8.20
N GLY A 205 8.13 1.71 8.69
CA GLY A 205 8.99 1.85 9.84
C GLY A 205 9.34 0.56 10.53
N TRP A 206 9.94 0.65 11.70
CA TRP A 206 10.34 -0.53 12.45
C TRP A 206 10.55 -0.19 13.91
N GLY A 207 10.70 -1.23 14.74
CA GLY A 207 10.92 -1.02 16.16
C GLY A 207 11.21 -2.33 16.84
N VAL A 208 11.14 -2.31 18.17
CA VAL A 208 11.38 -3.50 18.98
C VAL A 208 10.34 -3.53 20.09
N GLU A 209 9.57 -4.61 20.15
CA GLU A 209 8.55 -4.74 21.19
C GLU A 209 8.88 -5.96 22.04
N ASN A 210 9.16 -5.72 23.31
CA ASN A 210 9.50 -6.78 24.25
C ASN A 210 10.64 -7.64 23.71
N GLY A 211 11.68 -6.98 23.20
CA GLY A 211 12.82 -7.69 22.67
C GLY A 211 12.63 -8.28 21.28
N THR A 212 11.41 -8.16 20.74
CA THR A 212 11.12 -8.69 19.42
C THR A 212 11.15 -7.62 18.33
N PRO A 213 12.13 -7.69 17.42
CA PRO A 213 12.26 -6.71 16.34
C PRO A 213 11.08 -6.86 15.37
N TYR A 214 10.57 -5.73 14.89
CA TYR A 214 9.42 -5.80 13.98
C TYR A 214 9.42 -4.70 12.92
N TRP A 215 8.55 -4.89 11.93
CA TRP A 215 8.35 -3.92 10.85
C TRP A 215 7.00 -3.29 11.15
N LEU A 216 6.90 -1.97 10.95
CA LEU A 216 5.63 -1.26 11.16
C LEU A 216 4.92 -1.29 9.81
N VAL A 217 3.76 -1.92 9.74
CA VAL A 217 3.06 -2.06 8.46
C VAL A 217 1.62 -1.56 8.40
N GLY A 218 1.29 -0.94 7.27
CA GLY A 218 -0.05 -0.44 7.05
C GLY A 218 -0.78 -1.39 6.11
N ASN A 219 -1.89 -1.96 6.57
CA ASN A 219 -2.67 -2.88 5.76
C ASN A 219 -3.72 -2.05 5.02
N SER A 220 -4.43 -2.66 4.06
CA SER A 220 -5.45 -1.94 3.32
C SER A 220 -6.83 -2.58 3.52
N TRP A 221 -7.13 -2.92 4.77
CA TRP A 221 -8.40 -3.53 5.13
C TRP A 221 -9.20 -2.63 6.06
N ASN A 222 -9.04 -1.32 5.88
CA ASN A 222 -9.73 -0.32 6.69
C ASN A 222 -9.16 -0.24 8.10
N THR A 223 -9.69 0.70 8.88
CA THR A 223 -9.20 0.93 10.24
C THR A 223 -9.74 0.05 11.36
N ASP A 224 -10.83 -0.69 11.13
CA ASP A 224 -11.33 -1.54 12.20
C ASP A 224 -10.73 -2.94 12.19
N TRP A 225 -9.75 -3.16 11.32
CA TRP A 225 -9.05 -4.44 11.27
C TRP A 225 -7.69 -4.23 11.91
N GLY A 226 -7.22 -5.23 12.65
CA GLY A 226 -5.92 -5.13 13.30
C GLY A 226 -5.78 -4.01 14.31
N ASP A 227 -4.60 -3.38 14.32
CA ASP A 227 -4.33 -2.27 15.22
C ASP A 227 -4.58 -0.95 14.50
N ASN A 228 -5.85 -0.57 14.41
CA ASN A 228 -6.24 0.66 13.72
C ASN A 228 -5.86 0.60 12.25
N GLY A 229 -5.82 -0.61 11.69
CA GLY A 229 -5.46 -0.76 10.29
C GLY A 229 -4.00 -1.14 10.07
N PHE A 230 -3.18 -0.96 11.10
CA PHE A 230 -1.76 -1.30 11.02
C PHE A 230 -1.47 -2.61 11.74
N PHE A 231 -0.28 -3.14 11.53
CA PHE A 231 0.15 -4.34 12.22
C PHE A 231 1.67 -4.36 12.28
N LYS A 232 2.20 -5.15 13.19
CA LYS A 232 3.65 -5.28 13.33
C LYS A 232 3.95 -6.74 13.01
N ILE A 233 5.04 -6.98 12.31
CA ILE A 233 5.42 -8.34 11.96
C ILE A 233 6.92 -8.54 12.21
N LEU A 234 7.29 -9.75 12.61
CA LEU A 234 8.67 -10.10 12.91
C LEU A 234 9.64 -9.62 11.83
N ARG A 235 10.70 -8.95 12.27
CA ARG A 235 11.72 -8.41 11.37
C ARG A 235 13.07 -9.10 11.55
N GLY A 236 13.81 -9.23 10.44
CA GLY A 236 15.13 -9.82 10.50
C GLY A 236 15.28 -11.28 10.09
N GLN A 237 14.17 -11.99 9.93
CA GLN A 237 14.23 -13.40 9.55
C GLN A 237 13.45 -13.70 8.27
N ASP A 238 13.18 -12.67 7.49
CA ASP A 238 12.40 -12.80 6.25
C ASP A 238 11.16 -13.63 6.54
N HIS A 239 10.56 -13.37 7.69
CA HIS A 239 9.37 -14.09 8.14
C HIS A 239 8.22 -13.96 7.14
N CYS A 240 7.71 -15.11 6.68
CA CYS A 240 6.62 -15.13 5.70
C CYS A 240 7.04 -14.39 4.43
N GLY A 241 8.34 -14.18 4.26
CA GLY A 241 8.87 -13.50 3.09
C GLY A 241 8.69 -11.99 3.10
N ILE A 242 8.48 -11.42 4.29
CA ILE A 242 8.27 -9.98 4.41
C ILE A 242 9.42 -9.12 3.88
N GLU A 243 10.62 -9.68 3.83
CA GLU A 243 11.78 -8.93 3.33
C GLU A 243 12.19 -9.36 1.92
N SER A 244 11.43 -10.29 1.33
CA SER A 244 11.78 -10.85 0.02
C SER A 244 11.26 -10.17 -1.24
N GLU A 245 10.34 -9.23 -1.11
CA GLU A 245 9.78 -8.59 -2.29
C GLU A 245 9.55 -7.10 -2.07
N ILE A 246 10.59 -6.41 -1.60
CA ILE A 246 10.51 -4.99 -1.33
C ILE A 246 10.76 -4.18 -2.61
N VAL A 247 9.86 -3.25 -2.91
CA VAL A 247 10.00 -2.42 -4.10
C VAL A 247 9.67 -0.98 -3.76
N ALA A 248 10.24 -0.06 -4.54
CA ALA A 248 10.01 1.36 -4.33
C ALA A 248 10.43 2.10 -5.59
N GLY A 249 10.51 3.42 -5.47
CA GLY A 249 10.88 4.24 -6.61
C GLY A 249 10.87 5.69 -6.16
N MET A 250 11.40 6.58 -7.02
CA MET A 250 11.47 7.99 -6.70
C MET A 250 10.65 8.84 -7.67
N PRO A 251 9.97 9.87 -7.16
CA PRO A 251 9.16 10.73 -8.02
C PRO A 251 10.03 11.65 -8.86
N CYS A 252 9.54 12.05 -10.02
CA CYS A 252 10.30 12.95 -10.89
C CYS A 252 10.41 14.30 -10.19
N THR A 253 11.63 14.84 -10.15
CA THR A 253 11.93 16.12 -9.51
C THR A 253 11.00 16.41 -8.33
P PO4 B . 16.38 9.29 14.05
O1 PO4 B . 17.27 9.93 13.03
O2 PO4 B . 17.20 8.74 15.16
O3 PO4 B . 15.43 10.30 14.58
O4 PO4 B . 15.61 8.18 13.41
C9 75V C . -1.78 -9.78 -4.78
O2 75V C . -1.58 -9.12 -5.82
O3 75V C . -0.83 -10.57 -4.11
C10 75V C . 0.53 -10.67 -4.62
C11 75V C . 1.50 -9.89 -3.72
C4 75V C . -4.52 -9.25 -1.99
C3 75V C . -3.15 -9.25 -2.65
C2 75V C . -3.16 -9.79 -4.09
O1 75V C . -3.70 -11.12 -4.06
O4 75V C . -5.29 -8.31 -2.19
N1 75V C . -4.84 -10.34 -1.25
C5 75V C . -6.26 -10.77 -0.91
C6 75V C . -6.98 -9.64 -0.05
O5 75V C . -6.39 -8.61 0.29
C12 75V C . -6.18 -12.12 -0.10
C14 75V C . -5.36 -12.01 1.23
C13 75V C . -5.51 -13.25 -0.95
C15 75V C . -5.88 -12.87 2.40
N2 75V C . -8.25 -9.86 0.27
C7 75V C . -9.08 -8.93 1.05
C8 75V C . -9.36 -9.47 2.47
O6 75V C . -10.01 -8.89 3.34
C16 75V C . -10.38 -8.70 0.25
O7 75V C . -8.79 -10.68 2.67
C1 GOL D . -1.74 2.15 15.06
O1 GOL D . -2.48 3.02 15.62
C2 GOL D . -0.40 1.95 15.80
O2 GOL D . 0.34 3.15 15.80
C3 GOL D . 0.51 0.91 15.16
O3 GOL D . 1.70 0.82 15.95
#